data_9IQ5
#
_entry.id   9IQ5
#
_cell.length_a   44.092
_cell.length_b   61.985
_cell.length_c   99.609
_cell.angle_alpha   90.000
_cell.angle_beta   90.000
_cell.angle_gamma   90.000
#
_symmetry.space_group_name_H-M   'P 21 21 21'
#
loop_
_entity.id
_entity.type
_entity.pdbx_description
1 polymer 'SnoaL-like domain-containing protein'
2 water water
#
_entity_poly.entity_id   1
_entity_poly.type   'polypeptide(L)'
_entity_poly.pdbx_seq_one_letter_code
;MSAEVIDRFFKSSGAGDIETAVECFADDGQWITPDGDGLGTVHTKDQIGDLITSMNAMREKMIASGVDGKFESPIMFGEN
MGLVRWTVETDDGKVVNRGVDLFILSDGKIVLKDVYRKVKLAAALEHHHHHH
;
_entity_poly.pdbx_strand_id   A,B
#
# COMPACT_ATOMS: atom_id res chain seq x y z
N SER A 2 0.37 18.01 8.11
CA SER A 2 -0.01 18.70 6.88
C SER A 2 0.87 18.23 5.74
N ALA A 3 0.44 18.53 4.51
CA ALA A 3 1.11 17.98 3.37
C ALA A 3 2.47 18.63 3.10
N GLU A 4 2.83 19.70 3.84
CA GLU A 4 3.96 20.54 3.41
C GLU A 4 5.27 19.77 3.42
N VAL A 5 5.50 18.91 4.41
CA VAL A 5 6.77 18.18 4.39
C VAL A 5 6.79 17.18 3.24
N ILE A 6 5.63 16.61 2.87
CA ILE A 6 5.60 15.67 1.75
C ILE A 6 5.94 16.40 0.45
N ASP A 7 5.35 17.55 0.26
CA ASP A 7 5.65 18.38 -0.90
C ASP A 7 7.13 18.73 -0.97
N ARG A 8 7.70 19.21 0.14
CA ARG A 8 9.12 19.58 0.16
C ARG A 8 9.99 18.38 -0.24
N PHE A 9 9.62 17.19 0.24
CA PHE A 9 10.40 16.01 -0.04
C PHE A 9 10.40 15.71 -1.52
N PHE A 10 9.23 15.75 -2.17
CA PHE A 10 9.16 15.44 -3.59
C PHE A 10 9.85 16.51 -4.42
N LYS A 11 9.72 17.78 -4.05
CA LYS A 11 10.36 18.82 -4.84
C LYS A 11 11.87 18.72 -4.74
N SER A 12 12.40 18.63 -3.52
CA SER A 12 13.85 18.61 -3.33
C SER A 12 14.48 17.32 -3.86
N SER A 13 13.88 16.15 -3.61
CA SER A 13 14.52 14.93 -4.11
C SER A 13 14.47 14.89 -5.64
N GLY A 14 13.38 15.35 -6.24
CA GLY A 14 13.28 15.42 -7.68
C GLY A 14 14.22 16.42 -8.33
N ALA A 15 14.86 17.30 -7.57
CA ALA A 15 15.84 18.23 -8.12
C ALA A 15 17.25 17.91 -7.67
N GLY A 16 17.45 16.77 -7.01
CA GLY A 16 18.80 16.39 -6.62
C GLY A 16 19.30 17.11 -5.39
N ASP A 17 18.45 17.91 -4.75
CA ASP A 17 18.75 18.57 -3.47
C ASP A 17 18.61 17.50 -2.38
N ILE A 18 19.61 16.61 -2.28
CA ILE A 18 19.38 15.44 -1.43
C ILE A 18 19.48 15.85 0.05
N GLU A 19 20.21 16.90 0.37
CA GLU A 19 20.36 17.30 1.77
C GLU A 19 19.01 17.72 2.37
N THR A 20 18.27 18.58 1.68
CA THR A 20 17.00 18.97 2.28
C THR A 20 15.99 17.83 2.17
N ALA A 21 16.12 16.96 1.16
CA ALA A 21 15.20 15.81 1.10
C ALA A 21 15.43 14.86 2.28
N VAL A 22 16.69 14.56 2.61
CA VAL A 22 16.96 13.71 3.77
C VAL A 22 16.42 14.36 5.04
N GLU A 23 16.56 15.68 5.17
CA GLU A 23 16.13 16.37 6.38
C GLU A 23 14.61 16.39 6.55
N CYS A 24 13.83 16.02 5.53
CA CYS A 24 12.38 15.80 5.70
C CYS A 24 12.05 14.62 6.60
N PHE A 25 13.01 13.71 6.86
CA PHE A 25 12.76 12.51 7.66
C PHE A 25 13.10 12.75 9.11
N ALA A 26 12.27 12.22 10.01
CA ALA A 26 12.61 12.21 11.44
C ALA A 26 13.88 11.42 11.65
N ASP A 27 14.58 11.71 12.74
CA ASP A 27 15.86 11.03 12.96
C ASP A 27 15.70 9.51 12.98
N ASP A 28 14.58 8.99 13.50
CA ASP A 28 14.27 7.57 13.43
C ASP A 28 13.33 7.21 12.28
N GLY A 29 13.19 8.06 11.28
CA GLY A 29 12.28 7.75 10.19
C GLY A 29 12.80 6.64 9.30
N GLN A 30 11.91 6.09 8.47
CA GLN A 30 12.30 4.97 7.63
C GLN A 30 11.66 5.10 6.25
N TRP A 31 12.33 4.56 5.24
CA TRP A 31 11.78 4.49 3.89
C TRP A 31 11.85 3.03 3.48
N ILE A 32 10.68 2.45 3.21
CA ILE A 32 10.59 1.00 2.95
C ILE A 32 10.13 0.80 1.50
N THR A 33 10.99 0.18 0.69
CA THR A 33 10.80 0.01 -0.74
C THR A 33 9.68 -1.01 -1.00
N PRO A 34 9.20 -1.13 -2.24
CA PRO A 34 8.08 -2.04 -2.53
C PRO A 34 8.46 -3.49 -2.71
N ASP A 35 9.77 -3.82 -2.78
CA ASP A 35 10.23 -5.13 -3.22
C ASP A 35 10.85 -5.80 -2.00
N GLY A 36 12.18 -5.86 -1.89
CA GLY A 36 12.81 -6.43 -0.71
C GLY A 36 12.46 -7.88 -0.48
N ASP A 37 12.27 -8.62 -1.58
CA ASP A 37 12.00 -10.05 -1.53
C ASP A 37 10.78 -10.39 -0.68
N GLY A 38 9.68 -9.68 -0.93
CA GLY A 38 8.44 -9.94 -0.22
C GLY A 38 8.34 -9.35 1.17
N LEU A 39 9.42 -8.73 1.67
CA LEU A 39 9.39 -8.10 2.98
C LEU A 39 9.52 -6.57 2.94
N GLY A 40 10.07 -6.01 1.87
CA GLY A 40 10.38 -4.59 1.81
C GLY A 40 11.75 -4.29 2.41
N THR A 41 12.60 -3.49 1.74
CA THR A 41 13.90 -3.14 2.30
C THR A 41 13.80 -1.85 3.12
N VAL A 42 14.22 -1.91 4.38
CA VAL A 42 14.17 -0.74 5.25
C VAL A 42 15.39 0.11 5.03
N HIS A 43 15.20 1.41 4.86
CA HIS A 43 16.30 2.38 4.84
C HIS A 43 16.10 3.39 5.96
N THR A 44 17.13 3.59 6.76
CA THR A 44 17.11 4.60 7.80
C THR A 44 17.55 5.95 7.22
N LYS A 45 17.42 7.00 8.03
CA LYS A 45 17.71 8.34 7.55
C LYS A 45 19.10 8.44 6.94
N ASP A 46 20.08 7.74 7.52
CA ASP A 46 21.47 7.77 7.05
C ASP A 46 21.65 7.18 5.66
N GLN A 47 20.68 6.42 5.17
CA GLN A 47 20.78 5.74 3.88
C GLN A 47 19.87 6.32 2.82
N ILE A 48 19.03 7.29 3.19
CA ILE A 48 18.07 7.79 2.22
C ILE A 48 18.74 8.67 1.17
N GLY A 49 19.81 9.39 1.52
CA GLY A 49 20.50 10.19 0.52
C GLY A 49 21.01 9.36 -0.65
N ASP A 50 21.70 8.25 -0.35
CA ASP A 50 22.16 7.33 -1.40
C ASP A 50 20.99 6.76 -2.20
N LEU A 51 19.91 6.38 -1.53
CA LEU A 51 18.75 5.83 -2.22
C LEU A 51 18.17 6.81 -3.23
N ILE A 52 17.97 8.06 -2.79
CA ILE A 52 17.47 9.10 -3.69
C ILE A 52 18.39 9.24 -4.89
N THR A 53 19.70 9.29 -4.64
CA THR A 53 20.66 9.47 -5.71
C THR A 53 20.57 8.34 -6.73
N SER A 54 20.45 7.08 -6.27
CA SER A 54 20.43 5.99 -7.24
C SER A 54 19.10 5.96 -7.97
N MET A 55 18.05 6.38 -7.28
CA MET A 55 16.70 6.41 -7.86
C MET A 55 16.59 7.44 -8.97
N ASN A 56 17.23 8.60 -8.79
CA ASN A 56 17.20 9.62 -9.83
C ASN A 56 18.00 9.16 -11.05
N ALA A 57 19.12 8.48 -10.81
CA ALA A 57 19.91 7.98 -11.93
C ALA A 57 19.11 6.99 -12.78
N MET A 58 18.37 6.09 -12.12
CA MET A 58 17.54 5.13 -12.84
C MET A 58 16.43 5.82 -13.61
N ARG A 59 15.77 6.81 -12.98
CA ARG A 59 14.68 7.53 -13.62
C ARG A 59 15.13 8.21 -14.91
N GLU A 60 16.38 8.66 -14.95
CA GLU A 60 16.92 9.22 -16.19
C GLU A 60 16.98 8.15 -17.27
N LYS A 61 17.44 6.94 -16.91
CA LYS A 61 17.51 5.89 -17.91
C LYS A 61 16.12 5.41 -18.30
N MET A 62 15.17 5.44 -17.37
CA MET A 62 13.78 5.12 -17.69
C MET A 62 13.21 6.10 -18.71
N ILE A 63 13.38 7.40 -18.47
CA ILE A 63 12.76 8.38 -19.36
C ILE A 63 13.34 8.26 -20.76
N ALA A 64 14.66 8.08 -20.87
CA ALA A 64 15.29 7.97 -22.17
C ALA A 64 14.70 6.81 -22.98
N SER A 65 14.32 5.73 -22.29
CA SER A 65 13.66 4.54 -22.82
C SER A 65 12.17 4.69 -23.03
N GLY A 66 11.59 5.86 -22.74
CA GLY A 66 10.19 6.14 -23.05
C GLY A 66 9.15 5.69 -22.04
N VAL A 67 9.52 5.54 -20.77
CA VAL A 67 8.55 5.31 -19.70
C VAL A 67 8.82 6.31 -18.60
N ASP A 68 7.75 6.81 -17.98
CA ASP A 68 7.88 7.83 -16.95
C ASP A 68 7.04 7.47 -15.73
N GLY A 69 7.57 7.81 -14.56
CA GLY A 69 6.79 7.76 -13.35
C GLY A 69 6.15 9.12 -13.13
N LYS A 70 4.91 9.07 -12.66
CA LYS A 70 4.15 10.25 -12.30
C LYS A 70 3.54 9.99 -10.94
N PHE A 71 3.37 11.04 -10.16
CA PHE A 71 2.76 10.92 -8.85
C PHE A 71 1.75 12.03 -8.70
N GLU A 72 0.69 11.76 -7.96
CA GLU A 72 -0.32 12.74 -7.64
C GLU A 72 0.02 13.50 -6.36
N SER A 73 -0.63 14.65 -6.20
CA SER A 73 -0.52 15.41 -4.97
C SER A 73 -1.03 14.55 -3.80
N PRO A 74 -0.44 14.72 -2.61
CA PRO A 74 -0.86 13.89 -1.45
C PRO A 74 -2.33 14.07 -1.11
N ILE A 75 -2.97 12.98 -0.74
CA ILE A 75 -4.30 13.00 -0.15
C ILE A 75 -4.11 12.77 1.34
N MET A 76 -4.40 13.79 2.15
CA MET A 76 -4.19 13.73 3.60
C MET A 76 -5.39 13.11 4.29
N PHE A 77 -5.11 12.25 5.27
CA PHE A 77 -6.14 11.70 6.16
C PHE A 77 -5.78 12.12 7.59
N GLY A 78 -6.43 13.14 8.11
CA GLY A 78 -5.93 13.85 9.28
C GLY A 78 -4.65 14.62 8.92
N GLU A 79 -3.95 15.06 9.96
CA GLU A 79 -2.73 15.85 9.79
C GLU A 79 -1.48 15.01 9.62
N ASN A 80 -1.48 13.75 10.06
CA ASN A 80 -0.27 12.95 10.17
C ASN A 80 -0.24 11.75 9.23
N MET A 81 -1.09 11.72 8.21
CA MET A 81 -1.03 10.63 7.24
C MET A 81 -1.36 11.18 5.86
N GLY A 82 -0.53 10.86 4.88
CA GLY A 82 -0.78 11.25 3.49
C GLY A 82 -0.58 10.05 2.59
N LEU A 83 -1.42 9.97 1.55
CA LEU A 83 -1.33 8.92 0.54
C LEU A 83 -0.96 9.51 -0.81
N VAL A 84 0.13 9.06 -1.42
CA VAL A 84 0.55 9.50 -2.75
C VAL A 84 0.33 8.35 -3.71
N ARG A 85 -0.60 8.53 -4.64
CA ARG A 85 -0.79 7.56 -5.70
C ARG A 85 0.20 7.83 -6.82
N TRP A 86 0.77 6.77 -7.39
CA TRP A 86 1.70 6.96 -8.50
C TRP A 86 1.44 5.95 -9.59
N THR A 87 1.95 6.27 -10.78
CA THR A 87 1.85 5.44 -11.95
C THR A 87 3.19 5.39 -12.67
N VAL A 88 3.36 4.34 -13.45
CA VAL A 88 4.36 4.26 -14.50
C VAL A 88 3.57 4.23 -15.78
N GLU A 89 3.90 5.10 -16.72
CA GLU A 89 3.19 5.10 -17.99
C GLU A 89 4.11 5.43 -19.14
N THR A 90 3.69 5.01 -20.34
CA THR A 90 4.41 5.38 -21.55
C THR A 90 4.24 6.87 -21.82
N ASP A 91 5.03 7.38 -22.77
CA ASP A 91 5.03 8.80 -23.12
C ASP A 91 3.69 9.30 -23.66
N ASP A 92 2.79 8.40 -24.07
CA ASP A 92 1.48 8.77 -24.58
C ASP A 92 0.35 8.63 -23.54
N GLY A 93 0.60 8.02 -22.39
CA GLY A 93 -0.40 7.97 -21.33
C GLY A 93 -0.86 6.59 -20.93
N LYS A 94 -0.39 5.52 -21.57
CA LYS A 94 -0.76 4.17 -21.19
C LYS A 94 -0.12 3.84 -19.85
N VAL A 95 -0.94 3.60 -18.84
CA VAL A 95 -0.44 3.22 -17.52
C VAL A 95 -0.06 1.74 -17.58
N VAL A 96 1.20 1.43 -17.25
CA VAL A 96 1.65 0.04 -17.19
C VAL A 96 1.87 -0.47 -15.78
N ASN A 97 1.89 0.40 -14.78
CA ASN A 97 2.05 -0.03 -13.40
C ASN A 97 1.51 1.07 -12.52
N ARG A 98 0.94 0.68 -11.37
CA ARG A 98 0.32 1.56 -10.39
C ARG A 98 0.78 1.16 -9.00
N GLY A 99 0.87 2.14 -8.11
CA GLY A 99 1.18 1.91 -6.72
C GLY A 99 0.80 3.07 -5.82
N VAL A 100 1.27 3.01 -4.58
CA VAL A 100 1.02 4.06 -3.59
C VAL A 100 2.27 4.23 -2.75
N ASP A 101 2.49 5.45 -2.29
CA ASP A 101 3.41 5.75 -1.20
C ASP A 101 2.54 6.14 -0.02
N LEU A 102 2.78 5.51 1.12
CA LEU A 102 2.13 5.83 2.37
C LEU A 102 3.09 6.65 3.20
N PHE A 103 2.70 7.86 3.56
CA PHE A 103 3.53 8.73 4.39
C PHE A 103 2.88 8.86 5.75
N ILE A 104 3.62 8.49 6.79
CA ILE A 104 3.20 8.72 8.17
C ILE A 104 4.07 9.84 8.71
N LEU A 105 3.44 10.88 9.27
CA LEU A 105 4.13 12.07 9.76
C LEU A 105 4.03 12.20 11.26
N SER A 106 5.03 12.87 11.86
CA SER A 106 4.94 13.28 13.26
C SER A 106 5.79 14.53 13.44
N ASP A 107 5.20 15.55 14.08
CA ASP A 107 5.82 16.84 14.38
C ASP A 107 6.46 17.46 13.13
N GLY A 108 5.83 17.26 11.98
CA GLY A 108 6.28 17.86 10.75
C GLY A 108 7.39 17.16 10.02
N LYS A 109 7.80 15.97 10.47
CA LYS A 109 8.80 15.14 9.81
C LYS A 109 8.15 13.84 9.33
N ILE A 110 8.77 13.22 8.34
CA ILE A 110 8.29 11.93 7.85
C ILE A 110 8.83 10.84 8.77
N VAL A 111 7.94 10.12 9.44
CA VAL A 111 8.33 8.98 10.24
C VAL A 111 8.39 7.70 9.40
N LEU A 112 7.51 7.58 8.40
CA LEU A 112 7.51 6.40 7.54
C LEU A 112 7.10 6.79 6.13
N LYS A 113 7.87 6.34 5.15
CA LYS A 113 7.46 6.36 3.76
C LYS A 113 7.45 4.91 3.31
N ASP A 114 6.26 4.34 3.10
CA ASP A 114 6.10 2.89 2.89
C ASP A 114 5.51 2.71 1.50
N VAL A 115 6.28 2.11 0.60
CA VAL A 115 5.99 2.12 -0.83
C VAL A 115 5.41 0.76 -1.23
N TYR A 116 4.36 0.78 -2.05
CA TYR A 116 3.76 -0.44 -2.57
C TYR A 116 3.48 -0.28 -4.06
N ARG A 117 3.63 -1.39 -4.80
CA ARG A 117 3.24 -1.44 -6.20
C ARG A 117 2.31 -2.62 -6.41
N LYS A 118 1.32 -2.47 -7.29
CA LYS A 118 0.60 -3.62 -7.79
C LYS A 118 1.57 -4.54 -8.50
N VAL A 119 1.32 -5.86 -8.48
CA VAL A 119 2.33 -6.83 -8.92
C VAL A 119 2.12 -7.20 -10.39
N LYS A 120 3.22 -7.21 -11.14
CA LYS A 120 3.34 -7.58 -12.55
C LYS A 120 3.69 -9.06 -12.73
N LEU A 121 3.68 -9.51 -13.99
CA LEU A 121 3.89 -10.90 -14.39
C LEU A 121 5.04 -11.57 -13.66
N ALA B 3 -14.25 2.50 12.72
CA ALA B 3 -13.51 1.24 12.61
C ALA B 3 -14.44 0.03 12.64
N GLU B 4 -15.72 0.27 12.95
CA GLU B 4 -16.64 -0.83 13.24
C GLU B 4 -16.93 -1.68 12.02
N VAL B 5 -17.10 -1.02 10.86
CA VAL B 5 -17.42 -1.76 9.64
C VAL B 5 -16.23 -2.62 9.21
N ILE B 6 -15.01 -2.17 9.51
CA ILE B 6 -13.84 -2.98 9.18
C ILE B 6 -13.76 -4.20 10.09
N ASP B 7 -13.97 -3.99 11.40
CA ASP B 7 -14.00 -5.10 12.35
C ASP B 7 -15.03 -6.13 11.95
N ARG B 8 -16.25 -5.66 11.63
CA ARG B 8 -17.31 -6.55 11.20
C ARG B 8 -16.92 -7.34 9.96
N PHE B 9 -16.21 -6.69 9.03
CA PHE B 9 -15.88 -7.33 7.75
C PHE B 9 -14.95 -8.52 7.94
N PHE B 10 -13.91 -8.38 8.76
CA PHE B 10 -12.95 -9.46 8.90
C PHE B 10 -13.54 -10.65 9.66
N LYS B 11 -14.37 -10.38 10.69
CA LYS B 11 -14.97 -11.45 11.47
C LYS B 11 -15.95 -12.26 10.63
N SER B 12 -16.84 -11.59 9.89
CA SER B 12 -17.83 -12.33 9.11
C SER B 12 -17.19 -13.05 7.93
N SER B 13 -16.29 -12.41 7.19
CA SER B 13 -15.68 -13.12 6.06
C SER B 13 -14.77 -14.23 6.55
N GLY B 14 -14.03 -13.99 7.64
CA GLY B 14 -13.16 -15.00 8.22
C GLY B 14 -13.87 -16.19 8.81
N ALA B 15 -15.19 -16.12 8.97
CA ALA B 15 -16.00 -17.24 9.45
C ALA B 15 -16.91 -17.81 8.36
N GLY B 16 -16.71 -17.41 7.10
CA GLY B 16 -17.49 -17.94 5.99
C GLY B 16 -18.87 -17.34 5.82
N ASP B 17 -19.23 -16.31 6.58
CA ASP B 17 -20.49 -15.55 6.43
C ASP B 17 -20.36 -14.55 5.29
N ILE B 18 -20.48 -15.04 4.05
CA ILE B 18 -20.17 -14.16 2.92
C ILE B 18 -21.28 -13.14 2.70
N GLU B 19 -22.53 -13.47 3.05
CA GLU B 19 -23.62 -12.53 2.76
C GLU B 19 -23.47 -11.24 3.58
N THR B 20 -23.25 -11.35 4.89
CA THR B 20 -23.10 -10.13 5.68
C THR B 20 -21.77 -9.45 5.41
N ALA B 21 -20.77 -10.22 4.98
CA ALA B 21 -19.49 -9.63 4.61
C ALA B 21 -19.63 -8.78 3.34
N VAL B 22 -20.35 -9.28 2.34
CA VAL B 22 -20.62 -8.50 1.13
C VAL B 22 -21.36 -7.22 1.47
N GLU B 23 -22.29 -7.28 2.43
CA GLU B 23 -23.09 -6.12 2.80
C GLU B 23 -22.29 -5.06 3.55
N CYS B 24 -21.07 -5.38 4.00
CA CYS B 24 -20.19 -4.34 4.55
C CYS B 24 -19.78 -3.33 3.49
N PHE B 25 -19.93 -3.67 2.22
CA PHE B 25 -19.51 -2.80 1.13
C PHE B 25 -20.67 -1.93 0.65
N ALA B 26 -20.34 -0.68 0.33
CA ALA B 26 -21.28 0.18 -0.38
C ALA B 26 -21.62 -0.43 -1.73
N ASP B 27 -22.80 -0.07 -2.23
CA ASP B 27 -23.27 -0.62 -3.50
C ASP B 27 -22.33 -0.32 -4.66
N ASP B 28 -21.68 0.86 -4.65
CA ASP B 28 -20.66 1.18 -5.62
C ASP B 28 -19.25 0.92 -5.10
N GLY B 29 -19.12 0.18 -4.01
CA GLY B 29 -17.82 -0.10 -3.45
C GLY B 29 -17.04 -1.08 -4.30
N GLN B 30 -15.74 -1.17 -4.02
CA GLN B 30 -14.83 -1.99 -4.79
C GLN B 30 -13.78 -2.63 -3.91
N TRP B 31 -13.28 -3.77 -4.36
CA TRP B 31 -12.17 -4.47 -3.74
C TRP B 31 -11.15 -4.69 -4.85
N ILE B 32 -9.94 -4.18 -4.67
CA ILE B 32 -8.90 -4.22 -5.68
C ILE B 32 -7.77 -5.08 -5.15
N THR B 33 -7.48 -6.18 -5.87
CA THR B 33 -6.45 -7.13 -5.46
C THR B 33 -5.06 -6.55 -5.64
N PRO B 34 -4.03 -7.19 -5.06
CA PRO B 34 -2.67 -6.64 -5.17
C PRO B 34 -1.95 -7.01 -6.45
N ASP B 35 -2.53 -7.88 -7.28
CA ASP B 35 -1.80 -8.39 -8.43
C ASP B 35 -2.38 -7.89 -9.73
N GLY B 36 -3.04 -8.77 -10.49
CA GLY B 36 -3.73 -8.31 -11.67
C GLY B 36 -2.85 -7.62 -12.71
N ASP B 37 -1.65 -8.16 -12.96
CA ASP B 37 -0.75 -7.68 -14.02
C ASP B 37 -0.33 -6.22 -13.83
N GLY B 38 0.13 -5.90 -12.62
CA GLY B 38 0.69 -4.58 -12.37
C GLY B 38 -0.31 -3.46 -12.17
N LEU B 39 -1.61 -3.72 -12.33
CA LEU B 39 -2.66 -2.72 -12.14
C LEU B 39 -3.59 -3.02 -10.97
N GLY B 40 -3.71 -4.28 -10.54
CA GLY B 40 -4.69 -4.66 -9.55
C GLY B 40 -6.01 -5.04 -10.19
N THR B 41 -6.63 -6.13 -9.76
CA THR B 41 -7.92 -6.53 -10.31
C THR B 41 -9.06 -5.97 -9.46
N VAL B 42 -9.94 -5.20 -10.08
CA VAL B 42 -11.07 -4.58 -9.38
C VAL B 42 -12.21 -5.57 -9.29
N HIS B 43 -12.78 -5.71 -8.10
CA HIS B 43 -14.00 -6.49 -7.90
C HIS B 43 -15.08 -5.58 -7.34
N THR B 44 -16.27 -5.62 -7.95
CA THR B 44 -17.38 -4.87 -7.41
C THR B 44 -18.15 -5.71 -6.40
N LYS B 45 -19.09 -5.06 -5.70
CA LYS B 45 -19.86 -5.71 -4.65
C LYS B 45 -20.48 -7.00 -5.13
N ASP B 46 -20.89 -7.05 -6.40
CA ASP B 46 -21.52 -8.24 -6.97
C ASP B 46 -20.58 -9.43 -6.99
N GLN B 47 -19.28 -9.21 -6.97
CA GLN B 47 -18.29 -10.27 -7.13
C GLN B 47 -17.54 -10.56 -5.85
N ILE B 48 -17.79 -9.81 -4.78
CA ILE B 48 -16.99 -9.96 -3.57
C ILE B 48 -17.34 -11.25 -2.83
N GLY B 49 -18.57 -11.74 -2.96
CA GLY B 49 -18.93 -13.00 -2.33
C GLY B 49 -18.11 -14.18 -2.85
N ASP B 50 -18.04 -14.34 -4.17
CA ASP B 50 -17.19 -15.37 -4.75
C ASP B 50 -15.74 -15.17 -4.37
N LEU B 51 -15.33 -13.91 -4.26
CA LEU B 51 -13.95 -13.61 -3.92
C LEU B 51 -13.58 -14.13 -2.54
N ILE B 52 -14.39 -13.83 -1.53
CA ILE B 52 -14.14 -14.31 -0.18
C ILE B 52 -14.09 -15.84 -0.17
N THR B 53 -15.06 -16.48 -0.83
CA THR B 53 -15.15 -17.93 -0.81
C THR B 53 -13.87 -18.57 -1.35
N SER B 54 -13.33 -18.05 -2.44
CA SER B 54 -12.11 -18.64 -2.97
C SER B 54 -10.92 -18.32 -2.07
N MET B 55 -10.95 -17.16 -1.39
CA MET B 55 -9.88 -16.82 -0.46
C MET B 55 -9.87 -17.75 0.73
N ASN B 56 -11.06 -18.10 1.23
CA ASN B 56 -11.16 -19.02 2.35
C ASN B 56 -10.72 -20.43 1.94
N ALA B 57 -11.08 -20.85 0.74
CA ALA B 57 -10.61 -22.14 0.25
C ALA B 57 -9.10 -22.17 0.15
N MET B 58 -8.48 -21.08 -0.31
CA MET B 58 -7.02 -21.06 -0.36
C MET B 58 -6.43 -21.12 1.05
N ARG B 59 -6.98 -20.34 1.98
CA ARG B 59 -6.45 -20.31 3.34
C ARG B 59 -6.52 -21.70 4.01
N GLU B 60 -7.46 -22.55 3.62
CA GLU B 60 -7.46 -23.93 4.13
C GLU B 60 -6.22 -24.69 3.67
N LYS B 61 -5.90 -24.61 2.37
CA LYS B 61 -4.70 -25.28 1.86
C LYS B 61 -3.43 -24.66 2.45
N MET B 62 -3.45 -23.37 2.72
CA MET B 62 -2.32 -22.72 3.36
C MET B 62 -2.06 -23.31 4.74
N ILE B 63 -3.11 -23.43 5.54
CA ILE B 63 -2.91 -23.90 6.91
C ILE B 63 -2.43 -25.33 6.90
N ALA B 64 -3.02 -26.18 6.04
CA ALA B 64 -2.60 -27.58 5.94
C ALA B 64 -1.13 -27.69 5.59
N SER B 65 -0.64 -26.80 4.74
CA SER B 65 0.75 -26.67 4.36
C SER B 65 1.59 -25.94 5.39
N GLY B 66 1.00 -25.47 6.50
CA GLY B 66 1.79 -24.89 7.58
C GLY B 66 2.18 -23.44 7.41
N VAL B 67 1.43 -22.66 6.64
CA VAL B 67 1.61 -21.21 6.54
C VAL B 67 0.27 -20.56 6.85
N ASP B 68 0.31 -19.45 7.57
CA ASP B 68 -0.90 -18.80 8.02
C ASP B 68 -0.80 -17.29 7.76
N GLY B 69 -1.93 -16.68 7.41
CA GLY B 69 -2.04 -15.23 7.34
C GLY B 69 -2.51 -14.65 8.66
N LYS B 70 -1.98 -13.47 8.98
CA LYS B 70 -2.34 -12.75 10.18
C LYS B 70 -2.58 -11.29 9.85
N PHE B 71 -3.44 -10.63 10.61
CA PHE B 71 -3.74 -9.23 10.36
C PHE B 71 -3.79 -8.48 11.68
N GLU B 72 -3.38 -7.22 11.63
CA GLU B 72 -3.44 -6.29 12.75
C GLU B 72 -4.80 -5.58 12.74
N SER B 73 -5.18 -5.07 13.91
CA SER B 73 -6.41 -4.29 14.02
C SER B 73 -6.26 -3.02 13.18
N PRO B 74 -7.36 -2.51 12.61
CA PRO B 74 -7.27 -1.32 11.77
C PRO B 74 -6.73 -0.13 12.56
N ILE B 75 -5.91 0.66 11.90
CA ILE B 75 -5.44 1.94 12.38
C ILE B 75 -6.13 3.03 11.58
N MET B 76 -6.98 3.81 12.25
CA MET B 76 -7.75 4.85 11.57
C MET B 76 -6.93 6.13 11.45
N PHE B 77 -7.01 6.77 10.29
CA PHE B 77 -6.40 8.08 10.06
C PHE B 77 -7.50 9.03 9.63
N GLY B 78 -7.85 9.97 10.50
CA GLY B 78 -9.12 10.58 10.21
C GLY B 78 -10.17 9.51 10.44
N GLU B 79 -11.38 9.77 9.95
CA GLU B 79 -12.48 8.86 10.20
C GLU B 79 -12.79 7.88 9.07
N ASN B 80 -12.40 8.18 7.83
CA ASN B 80 -12.88 7.45 6.65
C ASN B 80 -11.79 6.62 6.00
N MET B 81 -10.70 6.40 6.71
CA MET B 81 -9.61 5.61 6.20
C MET B 81 -9.09 4.73 7.32
N GLY B 82 -8.89 3.46 7.01
CA GLY B 82 -8.30 2.52 7.96
C GLY B 82 -7.20 1.74 7.29
N LEU B 83 -6.14 1.48 8.04
CA LEU B 83 -4.97 0.77 7.53
C LEU B 83 -4.86 -0.53 8.29
N VAL B 84 -4.89 -1.66 7.58
CA VAL B 84 -4.72 -2.99 8.18
C VAL B 84 -3.42 -3.57 7.64
N ARG B 85 -2.43 -3.75 8.51
CA ARG B 85 -1.20 -4.45 8.13
C ARG B 85 -1.38 -5.96 8.26
N TRP B 86 -0.79 -6.71 7.35
CA TRP B 86 -0.89 -8.16 7.42
C TRP B 86 0.44 -8.77 7.03
N THR B 87 0.58 -10.04 7.41
CA THR B 87 1.74 -10.84 7.12
C THR B 87 1.25 -12.22 6.69
N VAL B 88 2.13 -12.93 6.00
CA VAL B 88 2.04 -14.37 5.83
C VAL B 88 3.22 -14.93 6.60
N GLU B 89 2.96 -15.86 7.49
CA GLU B 89 4.06 -16.39 8.28
C GLU B 89 3.86 -17.88 8.55
N THR B 90 4.96 -18.57 8.76
CA THR B 90 4.87 -19.96 9.16
C THR B 90 4.33 -20.06 10.58
N ASP B 91 3.91 -21.29 10.93
CA ASP B 91 3.41 -21.52 12.28
C ASP B 91 4.48 -21.27 13.33
N ASP B 92 5.72 -21.00 12.89
CA ASP B 92 6.86 -20.81 13.77
C ASP B 92 7.16 -19.34 14.04
N GLY B 93 6.63 -18.42 13.23
CA GLY B 93 6.75 -17.00 13.46
C GLY B 93 7.56 -16.26 12.41
N LYS B 94 8.18 -16.98 11.49
CA LYS B 94 8.92 -16.36 10.42
C LYS B 94 7.98 -15.76 9.38
N VAL B 95 8.06 -14.46 9.20
CA VAL B 95 7.28 -13.77 8.18
C VAL B 95 7.93 -13.99 6.82
N VAL B 96 7.15 -14.49 5.86
CA VAL B 96 7.62 -14.67 4.49
C VAL B 96 7.03 -13.66 3.51
N ASN B 97 6.01 -12.90 3.91
CA ASN B 97 5.46 -11.86 3.06
C ASN B 97 4.67 -10.90 3.95
N ARG B 98 4.64 -9.61 3.54
CA ARG B 98 3.97 -8.51 4.25
C ARG B 98 3.16 -7.67 3.27
N GLY B 99 2.10 -7.05 3.77
CA GLY B 99 1.36 -6.11 2.98
C GLY B 99 0.43 -5.25 3.82
N VAL B 100 -0.46 -4.55 3.12
CA VAL B 100 -1.47 -3.72 3.78
C VAL B 100 -2.76 -3.86 3.00
N ASP B 101 -3.87 -3.69 3.71
CA ASP B 101 -5.15 -3.40 3.13
C ASP B 101 -5.46 -1.94 3.46
N LEU B 102 -5.82 -1.17 2.45
CA LEU B 102 -6.29 0.20 2.62
C LEU B 102 -7.81 0.19 2.50
N PHE B 103 -8.49 0.65 3.54
CA PHE B 103 -9.95 0.73 3.55
C PHE B 103 -10.39 2.19 3.51
N ILE B 104 -11.24 2.53 2.53
CA ILE B 104 -11.89 3.84 2.47
C ILE B 104 -13.38 3.67 2.74
N LEU B 105 -13.90 4.43 3.70
CA LEU B 105 -15.28 4.31 4.16
C LEU B 105 -16.07 5.57 3.83
N SER B 106 -17.37 5.41 3.59
CA SER B 106 -18.28 6.54 3.50
C SER B 106 -19.67 6.05 3.87
N ASP B 107 -20.34 6.79 4.75
CA ASP B 107 -21.66 6.41 5.28
C ASP B 107 -21.66 5.01 5.92
N GLY B 108 -20.55 4.64 6.55
CA GLY B 108 -20.51 3.40 7.31
C GLY B 108 -20.34 2.15 6.48
N LYS B 109 -20.10 2.29 5.17
CA LYS B 109 -19.85 1.17 4.29
C LYS B 109 -18.44 1.30 3.72
N ILE B 110 -17.91 0.17 3.27
CA ILE B 110 -16.59 0.15 2.64
C ILE B 110 -16.73 0.55 1.18
N VAL B 111 -16.13 1.68 0.83
CA VAL B 111 -16.10 2.13 -0.56
C VAL B 111 -14.91 1.57 -1.32
N LEU B 112 -13.77 1.40 -0.65
CA LEU B 112 -12.61 0.82 -1.30
C LEU B 112 -11.86 -0.07 -0.33
N LYS B 113 -11.55 -1.27 -0.78
CA LYS B 113 -10.58 -2.12 -0.10
C LYS B 113 -9.46 -2.36 -1.10
N ASP B 114 -8.29 -1.78 -0.84
CA ASP B 114 -7.20 -1.71 -1.81
C ASP B 114 -6.04 -2.47 -1.22
N VAL B 115 -5.66 -3.60 -1.84
CA VAL B 115 -4.71 -4.51 -1.22
C VAL B 115 -3.36 -4.36 -1.88
N TYR B 116 -2.30 -4.35 -1.07
CA TYR B 116 -0.94 -4.30 -1.57
C TYR B 116 -0.07 -5.28 -0.82
N ARG B 117 0.86 -5.91 -1.52
CA ARG B 117 1.86 -6.77 -0.91
C ARG B 117 3.25 -6.32 -1.34
N LYS B 118 4.23 -6.48 -0.44
CA LYS B 118 5.62 -6.37 -0.83
C LYS B 118 5.96 -7.47 -1.85
N VAL B 119 6.87 -7.16 -2.78
CA VAL B 119 7.11 -7.97 -3.98
C VAL B 119 8.35 -8.85 -3.83
N LYS B 120 8.27 -10.09 -4.35
CA LYS B 120 9.39 -11.02 -4.49
C LYS B 120 10.05 -10.89 -5.86
N LEU B 121 11.25 -11.48 -5.98
CA LEU B 121 12.03 -11.39 -7.25
C LEU B 121 11.20 -11.80 -8.47
#